data_1S88
#
_entry.id   1S88
#
loop_
_entity.id
_entity.type
_entity.pdbx_description
1 polymer "5'-D(*CP*TP*CP*AP*AP*CP*(2DM)P*CP*AP*AP*GP*CP*T)-3'"
2 polymer "5'-D(*AP*GP*CP*TP*TP*GP*(2DM)P*GP*TP*TP*GP*AP*G)-3'"
#
loop_
_entity_poly.entity_id
_entity_poly.type
_entity_poly.pdbx_seq_one_letter_code
_entity_poly.pdbx_strand_id
1 'polydeoxyribonucleotide' (DC)(DT)(DC)(DA)(DA)(DC)(2DM)(DC)(DA)(DA)(DG)(DC)(DT) A
2 'polydeoxyribonucleotide' (DA)(DG)(DC)(DT)(DT)(DG)(2DM)(DG)(DT)(DT)(DG)(DA)(DG) B
#